data_5J46
#
_entry.id   5J46
#
_cell.length_a   41.720
_cell.length_b   69.070
_cell.length_c   119.870
_cell.angle_alpha   90.000
_cell.angle_beta   90.000
_cell.angle_gamma   90.000
#
_symmetry.space_group_name_H-M   'C 2 2 21'
#
loop_
_entity.id
_entity.type
_entity.pdbx_description
1 polymer 'Peptide deformylase'
2 non-polymer 'ZINC ION'
3 non-polymer 1,2-ETHANEDIOL
4 water water
#
_entity_poly.entity_id   1
_entity_poly.type   'polypeptide(L)'
_entity_poly.pdbx_seq_one_letter_code
;MAHHHHHHMANAAHRFTEYRKTMALLNILHYPDKRLHKVAKPVDKVDDRIRKLVADMAETMYAAPGIGLAATQVDVHERV
IVIDVSEDKNELRAFINPEIIWSSDGKQVYEEGCLSVPGIYDEVERPDRVRVRALNEQGETFELDCEGLLAVCIQHEMDH
LMGRVFVEYLSPLKQSRIKTKMKKLERAM
;
_entity_poly.pdbx_strand_id   A
#
# COMPACT_ATOMS: atom_id res chain seq x y z
N LYS A 21 15.26 21.09 11.06
CA LYS A 21 13.85 21.10 11.42
C LYS A 21 13.24 19.70 11.34
N THR A 22 12.60 19.27 12.43
CA THR A 22 11.95 17.97 12.46
C THR A 22 10.64 18.00 11.69
N MET A 23 10.16 16.80 11.32
CA MET A 23 8.93 16.65 10.55
C MET A 23 8.07 15.59 11.21
N ALA A 24 6.77 15.89 11.37
CA ALA A 24 5.83 14.97 12.01
C ALA A 24 5.34 13.97 10.97
N LEU A 25 5.88 12.77 11.00
CA LEU A 25 5.51 11.72 10.07
C LEU A 25 5.02 10.51 10.85
N LEU A 26 4.34 9.62 10.13
CA LEU A 26 3.87 8.36 10.73
C LEU A 26 4.94 7.28 10.56
N ASN A 27 5.10 6.45 11.58
CA ASN A 27 6.09 5.38 11.50
C ASN A 27 5.57 4.27 10.59
N ILE A 28 6.43 3.77 9.71
CA ILE A 28 6.06 2.67 8.81
C ILE A 28 6.58 1.36 9.40
N LEU A 29 5.66 0.42 9.67
CA LEU A 29 6.03 -0.89 10.18
C LEU A 29 6.87 -1.67 9.15
N HIS A 30 7.76 -2.53 9.65
CA HIS A 30 8.60 -3.36 8.80
C HIS A 30 8.22 -4.83 8.94
N TYR A 31 8.10 -5.50 7.81
CA TYR A 31 8.03 -6.95 7.80
C TYR A 31 9.22 -7.52 8.59
N PRO A 32 9.03 -8.58 9.40
CA PRO A 32 7.79 -9.36 9.53
C PRO A 32 6.94 -9.03 10.77
N ASP A 33 6.86 -7.75 11.14
CA ASP A 33 6.02 -7.31 12.25
C ASP A 33 4.61 -7.87 12.11
N LYS A 34 4.12 -8.47 13.20
CA LYS A 34 2.84 -9.16 13.15
C LYS A 34 1.68 -8.20 12.84
N ARG A 35 1.84 -6.91 13.15
CA ARG A 35 0.73 -5.97 12.94
C ARG A 35 0.43 -5.73 11.47
N LEU A 36 1.37 -6.06 10.57
CA LEU A 36 1.13 -5.97 9.13
C LEU A 36 0.18 -7.05 8.62
N HIS A 37 -0.22 -8.00 9.45
CA HIS A 37 -1.17 -9.03 9.04
C HIS A 37 -2.58 -8.77 9.57
N LYS A 38 -2.80 -7.65 10.25
CA LYS A 38 -4.14 -7.33 10.75
C LYS A 38 -5.05 -6.88 9.61
N VAL A 39 -6.30 -7.31 9.65
CA VAL A 39 -7.30 -6.93 8.66
C VAL A 39 -7.91 -5.59 9.07
N ALA A 40 -7.82 -4.61 8.18
CA ALA A 40 -8.37 -3.29 8.42
C ALA A 40 -9.90 -3.31 8.40
N LYS A 41 -10.48 -2.44 9.23
CA LYS A 41 -11.94 -2.30 9.22
C LYS A 41 -12.35 -1.21 8.25
N PRO A 42 -13.57 -1.26 7.72
CA PRO A 42 -14.03 -0.20 6.82
C PRO A 42 -14.14 1.14 7.55
N VAL A 43 -14.02 2.21 6.78
CA VAL A 43 -14.28 3.56 7.28
C VAL A 43 -15.78 3.81 7.17
N ASP A 44 -16.43 4.04 8.30
CA ASP A 44 -17.87 4.26 8.28
C ASP A 44 -18.22 5.69 7.86
N LYS A 45 -17.51 6.67 8.42
CA LYS A 45 -17.73 8.07 8.09
C LYS A 45 -16.41 8.71 7.72
N VAL A 46 -16.34 9.31 6.54
CA VAL A 46 -15.18 10.08 6.13
C VAL A 46 -15.27 11.46 6.77
N ASP A 47 -14.71 11.60 7.98
CA ASP A 47 -14.77 12.85 8.72
C ASP A 47 -13.42 13.58 8.63
N ASP A 48 -13.31 14.68 9.38
CA ASP A 48 -12.06 15.44 9.41
C ASP A 48 -10.90 14.57 9.89
N ARG A 49 -11.18 13.60 10.77
CA ARG A 49 -10.13 12.71 11.23
C ARG A 49 -9.56 11.89 10.08
N ILE A 50 -10.43 11.37 9.21
CA ILE A 50 -9.96 10.56 8.08
C ILE A 50 -9.19 11.41 7.09
N ARG A 51 -9.66 12.64 6.84
CA ARG A 51 -8.91 13.53 5.97
C ARG A 51 -7.53 13.83 6.53
N LYS A 52 -7.40 13.90 7.86
CA LYS A 52 -6.06 14.10 8.43
C LYS A 52 -5.19 12.88 8.22
N LEU A 53 -5.76 11.67 8.36
CA LEU A 53 -5.01 10.45 8.11
C LEU A 53 -4.53 10.40 6.67
N VAL A 54 -5.42 10.74 5.73
CA VAL A 54 -5.02 10.87 4.33
C VAL A 54 -3.85 11.84 4.20
N ALA A 55 -3.95 13.00 4.85
CA ALA A 55 -2.87 13.98 4.80
C ALA A 55 -1.57 13.43 5.37
N ASP A 56 -1.63 12.84 6.58
CA ASP A 56 -0.42 12.35 7.21
C ASP A 56 0.15 11.16 6.44
N MET A 57 -0.71 10.34 5.84
CA MET A 57 -0.24 9.21 5.05
C MET A 57 0.45 9.69 3.77
N ALA A 58 -0.17 10.64 3.06
CA ALA A 58 0.48 11.22 1.88
C ALA A 58 1.83 11.87 2.22
N GLU A 59 1.90 12.69 3.28
CA GLU A 59 3.21 13.23 3.68
C GLU A 59 4.20 12.12 3.96
N THR A 60 3.76 11.07 4.67
CA THR A 60 4.66 9.99 5.03
C THR A 60 5.15 9.24 3.78
N MET A 61 4.25 9.03 2.81
CA MET A 61 4.61 8.35 1.56
C MET A 61 5.61 9.18 0.75
N TYR A 62 5.36 10.48 0.59
CA TYR A 62 6.26 11.32 -0.19
C TYR A 62 7.63 11.45 0.46
N ALA A 63 7.71 11.39 1.79
CA ALA A 63 8.97 11.54 2.51
C ALA A 63 9.79 10.26 2.55
N ALA A 64 9.15 9.10 2.39
CA ALA A 64 9.87 7.83 2.52
C ALA A 64 11.07 7.73 1.59
N PRO A 65 10.97 8.00 0.28
CA PRO A 65 9.80 8.24 -0.57
C PRO A 65 9.27 6.94 -1.18
N GLY A 66 8.03 6.99 -1.64
CA GLY A 66 7.39 5.84 -2.28
C GLY A 66 6.19 6.33 -3.05
N ILE A 67 5.51 5.39 -3.70
CA ILE A 67 4.39 5.72 -4.59
C ILE A 67 3.05 5.20 -4.09
N GLY A 68 3.01 4.57 -2.92
CA GLY A 68 1.72 4.23 -2.33
C GLY A 68 1.91 3.88 -0.87
N LEU A 69 0.79 3.82 -0.14
CA LEU A 69 0.82 3.50 1.27
C LEU A 69 -0.58 3.08 1.73
N ALA A 70 -0.65 2.04 2.55
CA ALA A 70 -1.91 1.60 3.16
C ALA A 70 -1.88 1.93 4.64
N ALA A 71 -3.03 2.33 5.19
CA ALA A 71 -3.05 2.74 6.59
C ALA A 71 -2.51 1.64 7.49
N THR A 72 -2.75 0.37 7.14
CA THR A 72 -2.21 -0.75 7.89
C THR A 72 -0.72 -0.59 8.18
N GLN A 73 0.02 -0.08 7.20
CA GLN A 73 1.47 0.04 7.31
C GLN A 73 1.91 1.03 8.37
N VAL A 74 1.04 1.94 8.78
CA VAL A 74 1.34 2.89 9.83
C VAL A 74 0.54 2.56 11.10
N ASP A 75 0.13 1.30 11.21
CA ASP A 75 -0.54 0.78 12.40
C ASP A 75 -1.90 1.45 12.61
N VAL A 76 -2.57 1.82 11.52
CA VAL A 76 -3.95 2.33 11.55
C VAL A 76 -4.79 1.38 10.72
N HIS A 77 -5.61 0.57 11.38
CA HIS A 77 -6.18 -0.61 10.73
C HIS A 77 -7.58 -0.32 10.22
N GLU A 78 -7.60 0.64 9.30
CA GLU A 78 -8.80 1.07 8.59
C GLU A 78 -8.49 1.10 7.10
N ARG A 79 -9.53 0.95 6.28
CA ARG A 79 -9.38 0.76 4.84
C ARG A 79 -9.14 2.12 4.16
N VAL A 80 -7.90 2.57 4.21
CA VAL A 80 -7.49 3.86 3.66
C VAL A 80 -6.17 3.67 2.92
N ILE A 81 -6.12 4.09 1.65
CA ILE A 81 -4.92 4.00 0.84
C ILE A 81 -4.66 5.34 0.17
N VAL A 82 -3.38 5.70 0.03
CA VAL A 82 -2.99 6.81 -0.85
C VAL A 82 -2.01 6.29 -1.87
N ILE A 83 -2.06 6.87 -3.07
CA ILE A 83 -1.23 6.42 -4.19
C ILE A 83 -0.86 7.64 -5.03
N ASP A 84 0.41 7.71 -5.42
CA ASP A 84 0.81 8.66 -6.46
C ASP A 84 1.91 7.98 -7.28
N VAL A 85 1.53 7.45 -8.44
CA VAL A 85 2.48 6.79 -9.33
C VAL A 85 3.18 7.75 -10.27
N SER A 86 2.86 9.05 -10.23
CA SER A 86 3.42 9.98 -11.20
C SER A 86 4.88 10.30 -10.88
N GLU A 87 5.63 10.66 -11.93
CA GLU A 87 7.01 11.05 -11.74
C GLU A 87 7.11 12.43 -11.11
N ASP A 88 6.21 13.34 -11.48
CA ASP A 88 6.22 14.69 -10.93
C ASP A 88 5.58 14.80 -9.56
N LYS A 89 5.07 13.69 -9.01
CA LYS A 89 4.37 13.71 -7.73
C LYS A 89 3.18 14.68 -7.75
N ASN A 90 2.43 14.66 -8.86
CA ASN A 90 1.31 15.58 -9.08
C ASN A 90 0.00 14.84 -9.31
N GLU A 91 -0.10 13.57 -8.94
CA GLU A 91 -1.30 12.77 -9.17
C GLU A 91 -1.64 11.96 -7.92
N LEU A 92 -1.77 12.62 -6.79
CA LEU A 92 -2.14 11.94 -5.56
C LEU A 92 -3.62 11.54 -5.56
N ARG A 93 -3.90 10.30 -5.18
CA ARG A 93 -5.27 9.80 -5.08
C ARG A 93 -5.46 9.06 -3.76
N ALA A 94 -6.58 9.33 -3.10
CA ALA A 94 -6.94 8.60 -1.89
C ALA A 94 -8.05 7.62 -2.21
N PHE A 95 -8.05 6.49 -1.52
CA PHE A 95 -9.02 5.43 -1.73
C PHE A 95 -9.48 4.98 -0.35
N ILE A 96 -10.75 5.20 -0.06
CA ILE A 96 -11.32 4.83 1.22
C ILE A 96 -12.35 3.73 0.97
N ASN A 97 -12.30 2.67 1.76
CA ASN A 97 -13.09 1.47 1.55
C ASN A 97 -13.04 1.02 0.08
N PRO A 98 -11.86 0.78 -0.48
CA PRO A 98 -11.79 0.42 -1.91
C PRO A 98 -12.36 -0.97 -2.14
N GLU A 99 -12.93 -1.17 -3.32
CA GLU A 99 -13.51 -2.44 -3.72
C GLU A 99 -13.07 -2.75 -5.13
N ILE A 100 -12.51 -3.94 -5.36
CA ILE A 100 -12.27 -4.40 -6.72
C ILE A 100 -13.59 -4.95 -7.27
N ILE A 101 -14.24 -4.19 -8.16
CA ILE A 101 -15.53 -4.61 -8.69
C ILE A 101 -15.40 -5.34 -10.02
N TRP A 102 -14.20 -5.42 -10.58
CA TRP A 102 -13.94 -6.26 -11.76
C TRP A 102 -12.44 -6.46 -11.88
N SER A 103 -12.03 -7.70 -12.20
CA SER A 103 -10.63 -8.04 -12.43
C SER A 103 -10.48 -8.75 -13.77
N SER A 104 -9.32 -8.58 -14.41
CA SER A 104 -9.10 -9.20 -15.70
C SER A 104 -8.53 -10.62 -15.56
N ASP A 105 -8.91 -11.49 -16.50
CA ASP A 105 -8.26 -12.78 -16.64
C ASP A 105 -6.78 -12.61 -16.98
N GLY A 106 -6.45 -11.54 -17.70
CA GLY A 106 -5.06 -11.34 -18.10
C GLY A 106 -4.20 -10.97 -16.90
N LYS A 107 -3.01 -11.54 -16.86
CA LYS A 107 -2.09 -11.29 -15.76
C LYS A 107 -0.79 -10.72 -16.30
N GLN A 108 -0.13 -9.91 -15.47
CA GLN A 108 1.16 -9.33 -15.81
C GLN A 108 2.09 -9.46 -14.60
N VAL A 109 3.38 -9.63 -14.88
CA VAL A 109 4.39 -9.77 -13.84
C VAL A 109 5.12 -8.45 -13.69
N TYR A 110 5.35 -8.04 -12.44
CA TYR A 110 6.04 -6.80 -12.17
C TYR A 110 6.94 -6.97 -10.95
N GLU A 111 8.13 -6.36 -11.00
CA GLU A 111 9.04 -6.39 -9.86
C GLU A 111 8.61 -5.31 -8.87
N GLU A 112 8.14 -5.73 -7.70
CA GLU A 112 7.64 -4.83 -6.67
C GLU A 112 8.67 -4.66 -5.57
N GLY A 113 8.73 -3.45 -5.02
CA GLY A 113 9.28 -3.20 -3.71
C GLY A 113 8.16 -2.78 -2.77
N CYS A 114 8.55 -2.50 -1.53
CA CYS A 114 7.52 -2.21 -0.52
C CYS A 114 8.17 -1.36 0.56
N LEU A 115 7.47 -0.30 0.95
CA LEU A 115 7.97 0.56 2.03
C LEU A 115 8.06 -0.18 3.36
N SER A 116 7.34 -1.31 3.53
CA SER A 116 7.48 -2.12 4.74
C SER A 116 8.53 -3.21 4.63
N VAL A 117 9.25 -3.30 3.51
CA VAL A 117 10.27 -4.32 3.31
C VAL A 117 11.47 -3.66 2.65
N PRO A 118 12.17 -2.74 3.32
CA PRO A 118 13.16 -1.92 2.59
C PRO A 118 14.28 -2.76 1.98
N GLY A 119 14.58 -2.46 0.71
CA GLY A 119 15.71 -3.05 0.02
C GLY A 119 15.41 -4.34 -0.71
N ILE A 120 14.17 -4.82 -0.65
CA ILE A 120 13.79 -6.13 -1.18
C ILE A 120 12.89 -5.92 -2.40
N TYR A 121 13.26 -6.53 -3.52
CA TYR A 121 12.50 -6.42 -4.76
C TYR A 121 12.34 -7.81 -5.36
N ASP A 122 11.11 -8.15 -5.76
CA ASP A 122 10.93 -9.41 -6.47
C ASP A 122 9.65 -9.35 -7.28
N GLU A 123 9.59 -10.21 -8.29
CA GLU A 123 8.47 -10.23 -9.22
C GLU A 123 7.22 -10.83 -8.57
N VAL A 124 6.07 -10.23 -8.87
CA VAL A 124 4.76 -10.70 -8.43
C VAL A 124 3.84 -10.71 -9.65
N GLU A 125 3.03 -11.77 -9.79
CA GLU A 125 2.04 -11.85 -10.85
C GLU A 125 0.67 -11.44 -10.32
N ARG A 126 0.01 -10.53 -11.04
CA ARG A 126 -1.29 -9.99 -10.66
C ARG A 126 -2.13 -9.82 -11.91
N PRO A 127 -3.46 -9.73 -11.77
CA PRO A 127 -4.28 -9.29 -12.89
C PRO A 127 -3.81 -7.94 -13.41
N ASP A 128 -3.77 -7.81 -14.74
CA ASP A 128 -3.18 -6.64 -15.36
C ASP A 128 -4.13 -5.45 -15.44
N ARG A 129 -5.37 -5.63 -15.01
CA ARG A 129 -6.34 -4.55 -15.05
C ARG A 129 -7.42 -4.84 -14.02
N VAL A 130 -7.80 -3.81 -13.28
CA VAL A 130 -8.89 -3.91 -12.31
C VAL A 130 -9.68 -2.63 -12.41
N ARG A 131 -10.95 -2.73 -12.04
CA ARG A 131 -11.82 -1.57 -11.82
C ARG A 131 -12.15 -1.51 -10.34
N VAL A 132 -11.91 -0.37 -9.73
CA VAL A 132 -12.06 -0.21 -8.29
C VAL A 132 -13.13 0.85 -8.04
N ARG A 133 -13.98 0.58 -7.07
CA ARG A 133 -14.91 1.56 -6.53
C ARG A 133 -14.46 1.90 -5.11
N ALA A 134 -14.52 3.17 -4.76
CA ALA A 134 -14.03 3.63 -3.47
C ALA A 134 -14.65 4.99 -3.16
N LEU A 135 -14.41 5.46 -1.95
CA LEU A 135 -14.79 6.80 -1.53
C LEU A 135 -13.57 7.71 -1.58
N ASN A 136 -13.80 8.97 -1.95
CA ASN A 136 -12.76 9.98 -1.95
C ASN A 136 -12.71 10.69 -0.60
N GLU A 137 -11.88 11.73 -0.49
CA GLU A 137 -11.71 12.47 0.76
C GLU A 137 -12.97 13.22 1.16
N GLN A 138 -13.94 13.35 0.26
CA GLN A 138 -15.22 14.00 0.53
C GLN A 138 -16.36 13.00 0.69
N GLY A 139 -16.05 11.71 0.88
CA GLY A 139 -17.10 10.73 1.05
C GLY A 139 -17.91 10.40 -0.17
N GLU A 140 -17.53 10.93 -1.34
CA GLU A 140 -18.21 10.63 -2.59
C GLU A 140 -17.71 9.32 -3.18
N THR A 141 -18.61 8.57 -3.79
CA THR A 141 -18.23 7.30 -4.41
C THR A 141 -17.71 7.55 -5.82
N PHE A 142 -16.62 6.87 -6.17
CA PHE A 142 -16.08 6.98 -7.51
C PHE A 142 -15.59 5.61 -7.96
N GLU A 143 -15.45 5.47 -9.27
CA GLU A 143 -14.97 4.25 -9.89
C GLU A 143 -13.82 4.60 -10.82
N LEU A 144 -12.83 3.72 -10.90
CA LEU A 144 -11.61 3.97 -11.66
C LEU A 144 -11.16 2.69 -12.38
N ASP A 145 -10.93 2.78 -13.68
CA ASP A 145 -10.26 1.72 -14.42
C ASP A 145 -8.75 1.85 -14.21
N CYS A 146 -8.11 0.79 -13.73
CA CYS A 146 -6.68 0.82 -13.44
C CYS A 146 -5.94 -0.12 -14.37
N GLU A 147 -4.89 0.40 -15.01
CA GLU A 147 -4.03 -0.40 -15.85
C GLU A 147 -2.58 -0.05 -15.55
N GLY A 148 -1.67 -0.88 -16.03
CA GLY A 148 -0.25 -0.60 -15.89
C GLY A 148 0.20 -0.50 -14.44
N LEU A 149 1.03 0.50 -14.17
CA LEU A 149 1.59 0.65 -12.84
C LEU A 149 0.51 0.84 -11.80
N LEU A 150 -0.51 1.65 -12.13
CA LEU A 150 -1.59 1.91 -11.18
C LEU A 150 -2.31 0.61 -10.83
N ALA A 151 -2.53 -0.25 -11.82
CA ALA A 151 -3.16 -1.54 -11.53
C ALA A 151 -2.31 -2.35 -10.56
N VAL A 152 -0.98 -2.31 -10.72
CA VAL A 152 -0.13 -3.01 -9.76
C VAL A 152 -0.25 -2.38 -8.38
N CYS A 153 -0.15 -1.06 -8.32
CA CYS A 153 -0.05 -0.38 -7.02
CA CYS A 153 -0.07 -0.36 -7.04
C CYS A 153 -1.34 -0.54 -6.21
N ILE A 154 -2.50 -0.38 -6.86
CA ILE A 154 -3.75 -0.46 -6.10
C ILE A 154 -3.93 -1.86 -5.52
N GLN A 155 -3.57 -2.89 -6.29
CA GLN A 155 -3.70 -4.25 -5.77
C GLN A 155 -2.70 -4.50 -4.65
N HIS A 156 -1.47 -4.00 -4.82
CA HIS A 156 -0.48 -4.06 -3.74
C HIS A 156 -0.99 -3.39 -2.48
N GLU A 157 -1.53 -2.16 -2.59
CA GLU A 157 -1.98 -1.47 -1.38
C GLU A 157 -3.22 -2.13 -0.79
N MET A 158 -4.15 -2.59 -1.63
CA MET A 158 -5.31 -3.28 -1.09
C MET A 158 -4.94 -4.59 -0.40
N ASP A 159 -3.93 -5.29 -0.92
CA ASP A 159 -3.41 -6.46 -0.22
C ASP A 159 -3.00 -6.08 1.21
N HIS A 160 -2.35 -4.93 1.39
CA HIS A 160 -1.92 -4.52 2.73
C HIS A 160 -3.09 -4.44 3.71
N LEU A 161 -4.23 -3.90 3.27
CA LEU A 161 -5.41 -3.79 4.11
C LEU A 161 -5.99 -5.14 4.53
N MET A 162 -5.72 -6.19 3.77
CA MET A 162 -6.14 -7.53 4.15
C MET A 162 -5.06 -8.27 4.94
N GLY A 163 -4.03 -7.55 5.38
CA GLY A 163 -2.94 -8.18 6.10
C GLY A 163 -1.94 -8.94 5.25
N ARG A 164 -1.81 -8.59 3.98
CA ARG A 164 -0.93 -9.32 3.07
C ARG A 164 0.24 -8.45 2.61
N VAL A 165 1.47 -8.96 2.79
CA VAL A 165 2.69 -8.34 2.28
C VAL A 165 3.14 -9.14 1.05
N PHE A 166 3.75 -8.46 0.08
CA PHE A 166 3.94 -9.07 -1.23
C PHE A 166 4.90 -10.26 -1.17
N VAL A 167 5.80 -10.26 -0.17
CA VAL A 167 6.72 -11.36 -0.01
C VAL A 167 6.01 -12.67 0.29
N GLU A 168 4.74 -12.62 0.74
CA GLU A 168 4.00 -13.85 0.99
C GLU A 168 3.64 -14.59 -0.29
N TYR A 169 3.76 -13.95 -1.45
CA TYR A 169 3.63 -14.65 -2.73
C TYR A 169 4.92 -15.34 -3.16
N LEU A 170 6.03 -15.08 -2.47
CA LEU A 170 7.30 -15.69 -2.82
C LEU A 170 7.46 -17.06 -2.16
N SER A 171 8.44 -17.82 -2.63
CA SER A 171 8.70 -19.13 -2.08
C SER A 171 9.09 -19.02 -0.61
N PRO A 172 8.81 -20.06 0.18
CA PRO A 172 9.26 -20.04 1.58
C PRO A 172 10.75 -19.80 1.74
N LEU A 173 11.56 -20.38 0.84
CA LEU A 173 13.00 -20.11 0.86
C LEU A 173 13.26 -18.61 0.79
N LYS A 174 12.59 -17.92 -0.13
CA LYS A 174 12.80 -16.48 -0.32
C LYS A 174 12.29 -15.68 0.89
N GLN A 175 11.16 -16.10 1.46
CA GLN A 175 10.66 -15.45 2.67
C GLN A 175 11.66 -15.61 3.82
N SER A 176 12.23 -16.79 3.97
CA SER A 176 13.22 -17.02 5.02
C SER A 176 14.45 -16.14 4.84
N ARG A 177 14.92 -16.00 3.61
CA ARG A 177 16.08 -15.14 3.34
C ARG A 177 15.76 -13.66 3.54
N ILE A 178 14.55 -13.24 3.19
CA ILE A 178 14.11 -11.86 3.43
C ILE A 178 14.05 -11.56 4.92
N LYS A 179 13.55 -12.52 5.71
CA LYS A 179 13.48 -12.29 7.15
C LYS A 179 14.88 -12.06 7.72
N THR A 180 15.86 -12.80 7.23
CA THR A 180 17.24 -12.58 7.67
C THR A 180 17.74 -11.19 7.26
N LYS A 181 17.41 -10.75 6.05
CA LYS A 181 17.80 -9.41 5.61
C LYS A 181 17.20 -8.33 6.51
N MET A 182 15.95 -8.53 6.94
CA MET A 182 15.29 -7.55 7.80
C MET A 182 15.96 -7.44 9.16
N LYS A 183 16.56 -8.53 9.65
CA LYS A 183 17.31 -8.46 10.89
C LYS A 183 18.59 -7.64 10.70
N LYS A 184 19.27 -7.81 9.55
CA LYS A 184 20.41 -6.94 9.22
C LYS A 184 19.99 -5.48 9.18
N LEU A 185 18.80 -5.22 8.63
CA LEU A 185 18.37 -3.85 8.43
C LEU A 185 18.32 -3.08 9.73
N GLU A 186 17.95 -3.75 10.83
CA GLU A 186 17.86 -3.13 12.14
C GLU A 186 19.21 -2.83 12.78
N ARG A 187 20.29 -3.41 12.25
CA ARG A 187 21.61 -3.21 12.82
C ARG A 187 22.48 -2.31 11.96
N ALA A 188 21.88 -1.66 10.96
CA ALA A 188 22.61 -0.78 10.07
C ALA A 188 23.26 0.35 10.86
N MET A 189 24.50 0.68 10.47
CA MET A 189 25.26 1.78 11.07
C MET A 189 24.93 3.11 10.45
#